data_7VBU
#
_entry.id   7VBU
#
_cell.length_a   109.462
_cell.length_b   109.462
_cell.length_c   84.093
_cell.angle_alpha   90.000
_cell.angle_beta   90.000
_cell.angle_gamma   120.000
#
_symmetry.space_group_name_H-M   'P 64'
#
loop_
_entity.id
_entity.type
_entity.pdbx_description
1 polymer '[Pyruvate dehydrogenase (acetyl-transferring)] kinase isozyme 2, mitochondrial'
2 non-polymer 'CHLORIDE ION'
3 non-polymer 'ACETATE ION'
4 non-polymer 'DIMETHYL SULFOXIDE'
5 non-polymer 8-cyclopropyl-2-methyl-9H-pyrido[2,3-b]indole
6 water water
#
_entity_poly.entity_id   1
_entity_poly.type   'polypeptide(L)'
_entity_poly.pdbx_seq_one_letter_code
;GSAPKYIEHFSKFSPSPLSMKQFLDFGSSNACEKTSFTFLRQELPVRLANIMKEINLLPDRVLSTPSVQLVQSWYVQSLL
DIMEFLDKDPEDHRTLSQFTDALVTIRNRHNDVVPTMAQGVLEYKDTYGDDPVSNQNIQYFLDRFYLSRISIRMLINQHT
LIFDGSTNPAHPKHIGSIDPNCNVSEVVKDAYDMAKLLCDKYYMASPDLEIQEINAANSKQPIHMVYVPSHLYHMLFELF
KNAMRATVESHESSLILPPIKVMVALGEEDLSIKMSDRGGGVPLRKIERLFSYMYSTAPTPQPGTGGTPLAGFGYGLPIS
RLYAKYFQGDLQLFSMEGFGTDAVIYLKALSTDSVERLPVYNKSAWRHYQTIQEAGDWCVPSTEPKNTSTYRVS
;
_entity_poly.pdbx_strand_id   A
#
# COMPACT_ATOMS: atom_id res chain seq x y z
N GLY A 1 -20.76 25.32 8.84
CA GLY A 1 -20.35 23.97 9.11
C GLY A 1 -21.28 22.93 8.50
N SER A 2 -20.88 22.39 7.34
CA SER A 2 -21.66 21.37 6.65
C SER A 2 -20.96 20.02 6.58
N ALA A 3 -19.80 19.87 7.21
CA ALA A 3 -19.04 18.62 7.07
C ALA A 3 -19.86 17.41 7.49
N PRO A 4 -20.54 17.39 8.65
CA PRO A 4 -21.35 16.21 8.97
C PRO A 4 -22.41 15.91 7.92
N LYS A 5 -23.02 16.95 7.36
CA LYS A 5 -23.99 16.76 6.29
C LYS A 5 -23.34 16.13 5.06
N TYR A 6 -22.16 16.62 4.68
CA TYR A 6 -21.45 16.07 3.53
C TYR A 6 -21.06 14.62 3.75
N ILE A 7 -20.60 14.30 4.96
CA ILE A 7 -20.20 12.93 5.26
C ILE A 7 -21.40 12.00 5.16
N GLU A 8 -22.52 12.41 5.74
CA GLU A 8 -23.72 11.58 5.70
C GLU A 8 -24.20 11.38 4.27
N HIS A 9 -24.19 12.44 3.47
CA HIS A 9 -24.69 12.32 2.09
C HIS A 9 -23.85 11.35 1.27
N PHE A 10 -22.53 11.58 1.24
CA PHE A 10 -21.68 10.81 0.34
C PHE A 10 -21.35 9.43 0.88
N SER A 11 -21.47 9.22 2.19
CA SER A 11 -21.30 7.88 2.75
C SER A 11 -22.45 6.95 2.37
N LYS A 12 -23.53 7.48 1.82
CA LYS A 12 -24.62 6.66 1.31
C LYS A 12 -24.29 6.01 -0.02
N PHE A 13 -23.23 6.44 -0.69
CA PHE A 13 -22.80 5.87 -1.96
C PHE A 13 -21.70 4.85 -1.71
N SER A 14 -21.72 3.76 -2.48
CA SER A 14 -20.62 2.81 -2.44
C SER A 14 -19.47 3.32 -3.31
N PRO A 15 -18.23 3.15 -2.88
CA PRO A 15 -17.11 3.45 -3.77
C PRO A 15 -17.16 2.59 -5.02
N SER A 16 -16.65 3.12 -6.12
CA SER A 16 -16.63 2.39 -7.39
C SER A 16 -15.22 1.89 -7.67
N PRO A 17 -14.93 0.62 -7.46
CA PRO A 17 -13.58 0.12 -7.75
C PRO A 17 -13.32 0.07 -9.25
N LEU A 18 -12.08 0.39 -9.62
CA LEU A 18 -11.66 0.44 -11.01
C LEU A 18 -10.74 -0.72 -11.33
N SER A 19 -10.86 -1.24 -12.55
CA SER A 19 -9.94 -2.24 -13.05
C SER A 19 -8.73 -1.58 -13.69
N MET A 20 -7.71 -2.40 -14.00
CA MET A 20 -6.55 -1.88 -14.71
C MET A 20 -6.95 -1.30 -16.06
N LYS A 21 -7.87 -1.97 -16.76
CA LYS A 21 -8.30 -1.46 -18.07
C LYS A 21 -8.91 -0.08 -17.94
N GLN A 22 -9.75 0.13 -16.92
CA GLN A 22 -10.33 1.44 -16.70
C GLN A 22 -9.26 2.48 -16.37
N PHE A 23 -8.26 2.10 -15.57
CA PHE A 23 -7.15 3.01 -15.30
C PHE A 23 -6.42 3.37 -16.58
N LEU A 24 -6.15 2.38 -17.44
CA LEU A 24 -5.48 2.65 -18.70
C LEU A 24 -6.33 3.54 -19.59
N ASP A 25 -7.65 3.30 -19.63
CA ASP A 25 -8.52 4.14 -20.44
C ASP A 25 -8.54 5.58 -19.95
N PHE A 26 -8.58 5.78 -18.63
CA PHE A 26 -8.56 7.14 -18.10
C PHE A 26 -7.26 7.85 -18.47
N GLY A 27 -6.13 7.14 -18.40
CA GLY A 27 -4.84 7.69 -18.70
C GLY A 27 -4.39 7.56 -20.14
N SER A 28 -5.26 7.11 -21.04
CA SER A 28 -4.84 6.84 -22.42
C SER A 28 -4.33 8.10 -23.10
N SER A 29 -5.01 9.23 -22.90
CA SER A 29 -4.64 10.46 -23.57
C SER A 29 -5.09 11.65 -22.74
N ASN A 30 -4.53 12.82 -23.07
CA ASN A 30 -4.89 14.05 -22.37
C ASN A 30 -6.33 14.46 -22.60
N ALA A 31 -6.97 13.94 -23.64
CA ALA A 31 -8.37 14.28 -23.91
C ALA A 31 -9.32 13.77 -22.84
N CYS A 32 -8.86 12.88 -21.98
CA CYS A 32 -9.68 12.29 -20.93
C CYS A 32 -9.65 13.09 -19.63
N GLU A 33 -8.97 14.24 -19.61
CA GLU A 33 -8.86 14.99 -18.36
C GLU A 33 -10.23 15.41 -17.84
N LYS A 34 -11.10 15.87 -18.74
CA LYS A 34 -12.45 16.25 -18.32
C LYS A 34 -13.19 15.06 -17.74
N THR A 35 -13.07 13.89 -18.38
CA THR A 35 -13.71 12.69 -17.86
C THR A 35 -13.16 12.32 -16.50
N SER A 36 -11.84 12.39 -16.34
CA SER A 36 -11.23 12.08 -15.05
C SER A 36 -11.71 13.05 -13.98
N PHE A 37 -11.80 14.34 -14.32
CA PHE A 37 -12.25 15.35 -13.36
C PHE A 37 -13.69 15.10 -12.94
N THR A 38 -14.58 14.81 -13.90
CA THR A 38 -15.98 14.58 -13.56
C THR A 38 -16.15 13.34 -12.70
N PHE A 39 -15.38 12.29 -13.00
CA PHE A 39 -15.42 11.08 -12.17
C PHE A 39 -14.88 11.35 -10.76
N LEU A 40 -13.72 12.01 -10.68
CA LEU A 40 -13.04 12.13 -9.40
C LEU A 40 -13.76 13.09 -8.44
N ARG A 41 -14.35 14.17 -8.97
CA ARG A 41 -15.03 15.11 -8.08
C ARG A 41 -16.21 14.47 -7.37
N GLN A 42 -16.72 13.37 -7.90
CA GLN A 42 -17.76 12.57 -7.24
C GLN A 42 -17.16 11.41 -6.45
N GLU A 43 -16.24 10.67 -7.05
CA GLU A 43 -15.71 9.47 -6.41
C GLU A 43 -14.91 9.78 -5.15
N LEU A 44 -14.08 10.83 -5.20
CA LEU A 44 -13.25 11.16 -4.04
C LEU A 44 -14.08 11.50 -2.82
N PRO A 45 -15.11 12.36 -2.92
CA PRO A 45 -15.98 12.57 -1.75
C PRO A 45 -16.64 11.29 -1.23
N VAL A 46 -16.98 10.36 -2.13
CA VAL A 46 -17.57 9.10 -1.70
C VAL A 46 -16.57 8.29 -0.89
N ARG A 47 -15.34 8.15 -1.40
CA ARG A 47 -14.34 7.37 -0.68
C ARG A 47 -13.93 8.06 0.61
N LEU A 48 -13.76 9.38 0.58
CA LEU A 48 -13.44 10.12 1.80
C LEU A 48 -14.55 10.01 2.83
N ALA A 49 -15.80 10.19 2.39
CA ALA A 49 -16.92 10.19 3.33
C ALA A 49 -17.08 8.82 3.99
N ASN A 50 -16.92 7.75 3.22
CA ASN A 50 -17.14 6.42 3.79
C ASN A 50 -16.15 6.12 4.91
N ILE A 51 -14.87 6.43 4.71
CA ILE A 51 -13.90 6.18 5.78
C ILE A 51 -14.11 7.16 6.93
N MET A 52 -14.46 8.42 6.61
CA MET A 52 -14.71 9.40 7.65
C MET A 52 -15.89 8.98 8.53
N LYS A 53 -16.93 8.41 7.91
CA LYS A 53 -18.06 7.90 8.69
C LYS A 53 -17.60 6.79 9.64
N GLU A 54 -16.75 5.88 9.14
CA GLU A 54 -16.24 4.82 10.00
C GLU A 54 -15.39 5.37 11.13
N ILE A 55 -14.62 6.44 10.86
CA ILE A 55 -13.83 7.06 11.91
C ILE A 55 -14.73 7.59 13.02
N ASN A 56 -15.83 8.27 12.64
CA ASN A 56 -16.74 8.83 13.63
C ASN A 56 -17.45 7.76 14.44
N LEU A 57 -17.45 6.51 13.98
CA LEU A 57 -18.06 5.41 14.72
C LEU A 57 -17.09 4.74 15.68
N LEU A 58 -15.83 5.18 15.73
CA LEU A 58 -14.89 4.63 16.69
C LEU A 58 -15.33 4.99 18.11
N PRO A 59 -14.94 4.20 19.11
CA PRO A 59 -15.30 4.53 20.49
C PRO A 59 -14.71 5.85 20.92
N ASP A 60 -15.40 6.52 21.84
CA ASP A 60 -15.01 7.87 22.24
C ASP A 60 -13.57 7.92 22.76
N ARG A 61 -13.12 6.86 23.42
CA ARG A 61 -11.75 6.87 23.94
C ARG A 61 -10.71 6.90 22.83
N VAL A 62 -11.07 6.44 21.62
CA VAL A 62 -10.19 6.54 20.47
C VAL A 62 -10.48 7.80 19.67
N LEU A 63 -11.76 8.13 19.48
CA LEU A 63 -12.14 9.26 18.62
C LEU A 63 -11.62 10.58 19.19
N SER A 64 -11.68 10.74 20.51
CA SER A 64 -11.33 12.02 21.13
C SER A 64 -9.82 12.24 21.27
N THR A 65 -9.00 11.26 20.92
CA THR A 65 -7.56 11.40 21.07
C THR A 65 -7.02 12.41 20.05
N PRO A 66 -5.91 13.09 20.39
CA PRO A 66 -5.37 14.10 19.45
C PRO A 66 -5.02 13.56 18.08
N SER A 67 -4.50 12.33 18.01
N SER A 67 -4.50 12.33 18.00
CA SER A 67 -4.09 11.78 16.71
CA SER A 67 -4.09 11.79 16.71
C SER A 67 -5.29 11.61 15.79
C SER A 67 -5.29 11.62 15.78
N VAL A 68 -6.37 11.02 16.29
CA VAL A 68 -7.55 10.82 15.47
C VAL A 68 -8.19 12.15 15.10
N GLN A 69 -8.27 13.08 16.05
CA GLN A 69 -8.84 14.39 15.75
C GLN A 69 -8.01 15.11 14.71
N LEU A 70 -6.68 15.00 14.78
CA LEU A 70 -5.83 15.63 13.78
C LEU A 70 -6.08 15.04 12.39
N VAL A 71 -6.08 13.71 12.29
CA VAL A 71 -6.29 13.07 10.99
C VAL A 71 -7.68 13.40 10.46
N GLN A 72 -8.69 13.34 11.32
CA GLN A 72 -10.05 13.66 10.90
C GLN A 72 -10.14 15.09 10.38
N SER A 73 -9.41 16.02 11.02
CA SER A 73 -9.43 17.40 10.54
C SER A 73 -8.84 17.51 9.14
N TRP A 74 -7.79 16.73 8.86
CA TRP A 74 -7.23 16.71 7.51
C TRP A 74 -8.25 16.20 6.50
N TYR A 75 -8.96 15.12 6.84
CA TYR A 75 -9.96 14.58 5.94
C TYR A 75 -11.09 15.58 5.70
N VAL A 76 -11.52 16.28 6.74
CA VAL A 76 -12.60 17.26 6.58
C VAL A 76 -12.18 18.35 5.60
N GLN A 77 -10.96 18.87 5.76
CA GLN A 77 -10.52 19.93 4.85
C GLN A 77 -10.40 19.43 3.42
N SER A 78 -9.85 18.22 3.24
CA SER A 78 -9.73 17.67 1.89
C SER A 78 -11.09 17.43 1.25
N LEU A 79 -12.06 16.96 2.05
CA LEU A 79 -13.42 16.79 1.54
C LEU A 79 -13.99 18.15 1.10
N LEU A 80 -13.79 19.18 1.92
CA LEU A 80 -14.31 20.51 1.59
C LEU A 80 -13.62 21.08 0.36
N ASP A 81 -12.32 20.80 0.19
CA ASP A 81 -11.60 21.28 -0.98
C ASP A 81 -12.19 20.71 -2.26
N ILE A 82 -12.54 19.42 -2.25
CA ILE A 82 -13.11 18.79 -3.44
C ILE A 82 -14.52 19.32 -3.72
N MET A 83 -15.27 19.70 -2.68
CA MET A 83 -16.65 20.17 -2.87
C MET A 83 -16.72 21.42 -3.73
N GLU A 84 -15.68 22.25 -3.71
CA GLU A 84 -15.70 23.52 -4.46
C GLU A 84 -15.85 23.29 -5.96
N PHE A 85 -15.38 22.15 -6.45
CA PHE A 85 -15.38 21.84 -7.88
C PHE A 85 -16.66 21.16 -8.36
N LEU A 86 -17.61 20.85 -7.48
CA LEU A 86 -18.81 20.15 -7.90
C LEU A 86 -19.64 20.98 -8.88
N ASP A 87 -19.75 22.27 -8.63
CA ASP A 87 -20.54 23.16 -9.48
C ASP A 87 -19.74 23.83 -10.59
N LYS A 88 -18.44 23.52 -10.72
CA LYS A 88 -17.61 24.19 -11.71
C LYS A 88 -17.73 23.52 -13.08
N ASP A 89 -17.44 24.30 -14.11
CA ASP A 89 -17.61 23.84 -15.48
C ASP A 89 -16.38 23.04 -15.93
N PRO A 90 -16.53 21.77 -16.31
CA PRO A 90 -15.37 21.03 -16.84
C PRO A 90 -14.77 21.66 -18.08
N GLU A 91 -15.58 22.30 -18.92
CA GLU A 91 -15.08 22.88 -20.16
C GLU A 91 -14.11 24.02 -19.94
N ASP A 92 -14.02 24.56 -18.73
CA ASP A 92 -13.10 25.65 -18.41
C ASP A 92 -11.76 25.06 -18.02
N HIS A 93 -10.71 25.34 -18.80
CA HIS A 93 -9.40 24.77 -18.52
C HIS A 93 -8.87 25.24 -17.18
N ARG A 94 -9.24 26.45 -16.75
CA ARG A 94 -8.81 26.93 -15.44
C ARG A 94 -9.36 26.04 -14.33
N THR A 95 -10.58 25.54 -14.49
CA THR A 95 -11.14 24.62 -13.51
C THR A 95 -10.29 23.36 -13.40
N LEU A 96 -9.87 22.81 -14.54
CA LEU A 96 -9.08 21.59 -14.53
C LEU A 96 -7.73 21.82 -13.86
N SER A 97 -7.06 22.93 -14.17
CA SER A 97 -5.76 23.21 -13.57
C SER A 97 -5.89 23.39 -12.06
N GLN A 98 -6.92 24.13 -11.63
CA GLN A 98 -7.12 24.32 -10.19
C GLN A 98 -7.41 23.00 -9.49
N PHE A 99 -8.19 22.13 -10.14
CA PHE A 99 -8.49 20.84 -9.54
C PHE A 99 -7.22 20.01 -9.34
N THR A 100 -6.33 20.00 -10.33
CA THR A 100 -5.08 19.26 -10.18
C THR A 100 -4.25 19.81 -9.04
N ASP A 101 -4.17 21.14 -8.93
CA ASP A 101 -3.43 21.75 -7.82
C ASP A 101 -4.05 21.38 -6.48
N ALA A 102 -5.38 21.36 -6.40
CA ALA A 102 -6.04 21.00 -5.16
C ALA A 102 -5.72 19.56 -4.75
N LEU A 103 -5.66 18.65 -5.72
CA LEU A 103 -5.34 17.26 -5.40
C LEU A 103 -3.92 17.13 -4.85
N VAL A 104 -2.97 17.86 -5.42
CA VAL A 104 -1.60 17.81 -4.91
C VAL A 104 -1.56 18.31 -3.48
N THR A 105 -2.28 19.40 -3.20
CA THR A 105 -2.35 19.92 -1.84
C THR A 105 -2.96 18.90 -0.89
N ILE A 106 -4.04 18.24 -1.32
CA ILE A 106 -4.66 17.21 -0.49
C ILE A 106 -3.68 16.08 -0.22
N ARG A 107 -2.97 15.63 -1.28
CA ARG A 107 -2.03 14.53 -1.10
C ARG A 107 -0.93 14.90 -0.11
N ASN A 108 -0.39 16.11 -0.22
CA ASN A 108 0.66 16.55 0.69
C ASN A 108 0.11 16.70 2.11
N ARG A 109 -1.12 17.17 2.25
CA ARG A 109 -1.70 17.39 3.57
C ARG A 109 -1.71 16.09 4.39
N HIS A 110 -1.85 14.94 3.74
CA HIS A 110 -1.95 13.66 4.41
C HIS A 110 -0.63 12.88 4.45
N ASN A 111 0.48 13.51 4.10
CA ASN A 111 1.72 12.76 3.93
C ASN A 111 2.14 12.04 5.22
N ASP A 112 1.83 12.61 6.38
CA ASP A 112 2.34 12.11 7.65
C ASP A 112 1.31 11.27 8.43
N VAL A 113 0.27 10.78 7.74
CA VAL A 113 -0.82 10.12 8.44
C VAL A 113 -0.38 8.79 9.05
N VAL A 114 0.53 8.07 8.40
CA VAL A 114 0.94 6.75 8.90
C VAL A 114 1.70 6.88 10.22
N PRO A 115 2.75 7.71 10.31
CA PRO A 115 3.38 7.91 11.63
C PRO A 115 2.43 8.50 12.66
N THR A 116 1.49 9.35 12.24
CA THR A 116 0.51 9.90 13.16
C THR A 116 -0.37 8.81 13.75
N MET A 117 -0.85 7.90 12.91
CA MET A 117 -1.66 6.79 13.41
C MET A 117 -0.84 5.86 14.30
N ALA A 118 0.44 5.66 13.96
CA ALA A 118 1.31 4.85 14.80
C ALA A 118 1.44 5.47 16.19
N GLN A 119 1.54 6.80 16.26
CA GLN A 119 1.57 7.47 17.55
C GLN A 119 0.29 7.18 18.34
N GLY A 120 -0.85 7.19 17.66
CA GLY A 120 -2.10 6.87 18.33
C GLY A 120 -2.12 5.46 18.89
N VAL A 121 -1.59 4.50 18.12
CA VAL A 121 -1.55 3.11 18.59
C VAL A 121 -0.70 3.00 19.84
N LEU A 122 0.47 3.64 19.84
CA LEU A 122 1.32 3.60 21.03
C LEU A 122 0.61 4.22 22.23
N GLU A 123 -0.08 5.34 22.02
CA GLU A 123 -0.82 5.96 23.12
C GLU A 123 -1.89 5.00 23.64
N TYR A 124 -2.59 4.31 22.74
CA TYR A 124 -3.64 3.38 23.18
C TYR A 124 -3.04 2.27 24.04
N LYS A 125 -1.90 1.72 23.62
CA LYS A 125 -1.28 0.65 24.39
C LYS A 125 -0.94 1.12 25.80
N ASP A 126 -0.38 2.34 25.93
CA ASP A 126 0.01 2.84 27.23
C ASP A 126 -1.19 3.30 28.07
N THR A 127 -2.27 3.73 27.42
CA THR A 127 -3.40 4.29 28.14
C THR A 127 -4.47 3.26 28.48
N TYR A 128 -4.57 2.19 27.70
CA TYR A 128 -5.60 1.18 27.92
C TYR A 128 -5.11 -0.26 27.86
N GLY A 129 -3.92 -0.52 27.32
CA GLY A 129 -3.34 -1.85 27.30
C GLY A 129 -3.36 -2.45 25.92
N ASP A 130 -2.75 -3.64 25.83
CA ASP A 130 -2.59 -4.33 24.55
C ASP A 130 -3.25 -5.71 24.58
N ASP A 131 -4.53 -5.75 24.93
CA ASP A 131 -5.25 -7.01 24.98
C ASP A 131 -5.58 -7.50 23.57
N PRO A 132 -5.83 -8.80 23.41
CA PRO A 132 -6.14 -9.32 22.07
C PRO A 132 -7.34 -8.66 21.41
N VAL A 133 -8.38 -8.34 22.18
CA VAL A 133 -9.57 -7.72 21.60
C VAL A 133 -9.22 -6.34 21.03
N SER A 134 -8.44 -5.55 21.78
CA SER A 134 -8.01 -4.25 21.28
C SER A 134 -7.16 -4.41 20.02
N ASN A 135 -6.28 -5.41 20.01
CA ASN A 135 -5.46 -5.63 18.82
C ASN A 135 -6.32 -5.92 17.60
N GLN A 136 -7.33 -6.78 17.75
CA GLN A 136 -8.18 -7.13 16.61
C GLN A 136 -8.95 -5.92 16.09
N ASN A 137 -9.53 -5.12 17.00
CA ASN A 137 -10.27 -3.95 16.56
C ASN A 137 -9.35 -2.93 15.89
N ILE A 138 -8.17 -2.71 16.45
CA ILE A 138 -7.21 -1.80 15.81
C ILE A 138 -6.79 -2.35 14.46
N GLN A 139 -6.52 -3.65 14.39
CA GLN A 139 -6.10 -4.25 13.12
C GLN A 139 -7.21 -4.10 12.08
N TYR A 140 -8.46 -4.34 12.48
CA TYR A 140 -9.58 -4.23 11.55
C TYR A 140 -9.70 -2.81 11.01
N PHE A 141 -9.61 -1.81 11.90
CA PHE A 141 -9.79 -0.43 11.46
C PHE A 141 -8.63 0.04 10.60
N LEU A 142 -7.39 -0.20 11.04
CA LEU A 142 -6.24 0.33 10.33
C LEU A 142 -6.09 -0.33 8.96
N ASP A 143 -6.35 -1.63 8.84
CA ASP A 143 -6.30 -2.26 7.53
C ASP A 143 -7.26 -1.57 6.58
N ARG A 144 -8.48 -1.29 7.03
CA ARG A 144 -9.46 -0.61 6.19
C ARG A 144 -9.05 0.84 5.95
N PHE A 145 -8.59 1.53 6.99
CA PHE A 145 -8.20 2.93 6.84
C PHE A 145 -7.05 3.06 5.84
N TYR A 146 -6.03 2.21 5.97
CA TYR A 146 -4.87 2.31 5.09
C TYR A 146 -5.20 1.85 3.68
N LEU A 147 -6.01 0.80 3.53
CA LEU A 147 -6.40 0.39 2.20
C LEU A 147 -7.19 1.50 1.50
N SER A 148 -8.09 2.15 2.24
CA SER A 148 -8.78 3.32 1.70
C SER A 148 -7.79 4.37 1.25
N ARG A 149 -6.81 4.67 2.10
CA ARG A 149 -5.81 5.69 1.77
C ARG A 149 -5.05 5.31 0.51
N ILE A 150 -4.65 4.04 0.40
CA ILE A 150 -3.94 3.60 -0.80
C ILE A 150 -4.78 3.85 -2.04
N SER A 151 -6.07 3.51 -1.98
CA SER A 151 -6.94 3.68 -3.14
C SER A 151 -7.10 5.15 -3.50
N ILE A 152 -7.25 6.02 -2.50
CA ILE A 152 -7.42 7.45 -2.78
C ILE A 152 -6.15 8.03 -3.40
N ARG A 153 -4.99 7.67 -2.85
CA ARG A 153 -3.74 8.19 -3.39
C ARG A 153 -3.48 7.65 -4.79
N MET A 154 -3.91 6.42 -5.07
CA MET A 154 -3.79 5.89 -6.42
C MET A 154 -4.57 6.75 -7.41
N LEU A 155 -5.82 7.08 -7.07
CA LEU A 155 -6.61 7.92 -7.97
C LEU A 155 -5.97 9.28 -8.16
N ILE A 156 -5.49 9.89 -7.07
CA ILE A 156 -4.90 11.21 -7.16
C ILE A 156 -3.62 11.17 -7.99
N ASN A 157 -2.78 10.15 -7.77
CA ASN A 157 -1.53 10.05 -8.50
C ASN A 157 -1.77 9.90 -9.99
N GLN A 158 -2.75 9.08 -10.37
CA GLN A 158 -3.03 8.88 -11.79
C GLN A 158 -3.44 10.19 -12.46
N HIS A 159 -4.29 10.98 -11.80
CA HIS A 159 -4.72 12.23 -12.40
C HIS A 159 -3.59 13.23 -12.49
N THR A 160 -2.86 13.44 -11.39
CA THR A 160 -1.82 14.46 -11.39
C THR A 160 -0.64 14.09 -12.28
N LEU A 161 -0.26 12.81 -12.29
CA LEU A 161 0.88 12.38 -13.10
C LEU A 161 0.59 12.54 -14.58
N ILE A 162 -0.62 12.21 -15.02
CA ILE A 162 -0.93 12.14 -16.44
C ILE A 162 -1.34 13.49 -17.00
N PHE A 163 -2.20 14.22 -16.28
CA PHE A 163 -2.70 15.51 -16.75
C PHE A 163 -1.88 16.64 -16.13
N ASP A 164 -0.61 16.68 -16.54
CA ASP A 164 0.33 17.68 -16.07
C ASP A 164 0.60 18.79 -17.10
N GLY A 165 0.11 18.64 -18.33
CA GLY A 165 0.31 19.65 -19.35
C GLY A 165 0.85 19.07 -20.65
N LYS A 173 4.47 4.99 -23.00
CA LYS A 173 4.85 3.77 -22.30
C LYS A 173 4.14 3.68 -20.95
N HIS A 174 4.70 4.34 -19.94
CA HIS A 174 4.08 4.34 -18.62
C HIS A 174 2.80 5.18 -18.63
N ILE A 175 1.78 4.68 -17.93
CA ILE A 175 0.52 5.40 -17.77
C ILE A 175 0.41 5.88 -16.34
N GLY A 176 0.93 7.07 -16.06
CA GLY A 176 1.00 7.52 -14.69
C GLY A 176 1.91 6.61 -13.89
N SER A 177 1.36 6.04 -12.81
CA SER A 177 2.11 5.11 -11.97
C SER A 177 1.98 3.66 -12.43
N ILE A 178 1.28 3.40 -13.53
CA ILE A 178 1.07 2.06 -14.04
C ILE A 178 2.05 1.81 -15.18
N ASP A 179 2.76 0.69 -15.11
CA ASP A 179 3.64 0.26 -16.20
C ASP A 179 2.97 -0.91 -16.91
N PRO A 180 2.48 -0.73 -18.15
CA PRO A 180 1.83 -1.85 -18.84
C PRO A 180 2.75 -3.02 -19.13
N ASN A 181 4.06 -2.80 -19.08
CA ASN A 181 5.06 -3.83 -19.37
C ASN A 181 6.09 -3.89 -18.25
N CYS A 182 5.59 -4.00 -17.03
CA CYS A 182 6.46 -4.03 -15.86
C CYS A 182 7.26 -5.34 -15.84
N ASN A 183 8.58 -5.21 -15.89
CA ASN A 183 9.46 -6.37 -15.75
C ASN A 183 9.69 -6.61 -14.26
N VAL A 184 9.11 -7.70 -13.76
CA VAL A 184 9.11 -7.93 -12.31
C VAL A 184 10.54 -8.08 -11.79
N SER A 185 11.38 -8.82 -12.51
CA SER A 185 12.74 -9.06 -12.03
C SER A 185 13.52 -7.77 -11.89
N GLU A 186 13.29 -6.81 -12.79
CA GLU A 186 13.97 -5.51 -12.67
C GLU A 186 13.58 -4.81 -11.38
N VAL A 187 12.30 -4.85 -11.02
CA VAL A 187 11.86 -4.24 -9.77
C VAL A 187 12.47 -4.98 -8.59
N VAL A 188 12.55 -6.30 -8.67
CA VAL A 188 13.20 -7.08 -7.60
C VAL A 188 14.64 -6.61 -7.42
N LYS A 189 15.36 -6.46 -8.52
CA LYS A 189 16.76 -6.03 -8.43
C LYS A 189 16.87 -4.63 -7.83
N ASP A 190 15.98 -3.72 -8.25
CA ASP A 190 16.02 -2.36 -7.71
C ASP A 190 15.82 -2.36 -6.20
N ALA A 191 14.80 -3.07 -5.71
CA ALA A 191 14.55 -3.13 -4.29
C ALA A 191 15.71 -3.79 -3.54
N TYR A 192 16.27 -4.86 -4.10
CA TYR A 192 17.42 -5.50 -3.48
C TYR A 192 18.59 -4.53 -3.39
N ASP A 193 18.86 -3.81 -4.48
CA ASP A 193 20.01 -2.91 -4.50
C ASP A 193 19.87 -1.84 -3.44
N MET A 194 18.66 -1.29 -3.26
CA MET A 194 18.45 -0.29 -2.22
C MET A 194 18.63 -0.90 -0.84
N ALA A 195 18.05 -2.07 -0.61
CA ALA A 195 18.21 -2.73 0.69
C ALA A 195 19.66 -3.08 0.94
N LYS A 196 20.38 -3.52 -0.11
CA LYS A 196 21.79 -3.84 0.04
C LYS A 196 22.59 -2.62 0.46
N LEU A 197 22.31 -1.47 -0.14
CA LEU A 197 23.06 -0.26 0.19
C LEU A 197 22.89 0.09 1.67
N LEU A 198 21.66 0.01 2.18
CA LEU A 198 21.43 0.24 3.59
C LEU A 198 22.09 -0.84 4.44
N CYS A 199 22.03 -2.09 3.98
CA CYS A 199 22.61 -3.19 4.74
C CYS A 199 24.12 -3.02 4.90
N ASP A 200 24.80 -2.62 3.82
CA ASP A 200 26.24 -2.40 3.88
C ASP A 200 26.59 -1.26 4.84
N LYS A 201 25.81 -0.18 4.81
CA LYS A 201 26.10 0.95 5.68
C LYS A 201 25.99 0.56 7.15
N TYR A 202 24.98 -0.24 7.50
CA TYR A 202 24.72 -0.57 8.89
C TYR A 202 25.54 -1.77 9.37
N TYR A 203 25.70 -2.79 8.53
CA TYR A 203 26.30 -4.05 8.96
C TYR A 203 27.67 -4.33 8.35
N MET A 204 28.09 -3.61 7.30
CA MET A 204 29.36 -3.88 6.63
C MET A 204 29.39 -5.31 6.06
N ALA A 205 28.23 -5.79 5.60
CA ALA A 205 28.13 -7.09 4.96
C ALA A 205 26.70 -7.27 4.46
N SER A 206 26.51 -7.93 3.32
CA SER A 206 25.18 -8.07 2.75
C SER A 206 25.06 -9.37 1.97
N PRO A 207 23.94 -10.08 2.08
CA PRO A 207 23.75 -11.27 1.25
C PRO A 207 23.65 -10.94 -0.23
N ASP A 208 24.07 -11.88 -1.07
CA ASP A 208 23.87 -11.78 -2.51
C ASP A 208 22.41 -12.07 -2.87
N LEU A 209 22.06 -11.77 -4.12
CA LEU A 209 20.72 -11.99 -4.66
C LEU A 209 20.78 -13.08 -5.72
N GLU A 210 19.85 -14.03 -5.67
CA GLU A 210 19.63 -14.98 -6.75
C GLU A 210 18.17 -14.93 -7.21
N ILE A 211 17.95 -14.61 -8.48
CA ILE A 211 16.61 -14.56 -9.06
C ILE A 211 16.45 -15.71 -10.04
N GLN A 212 15.39 -16.49 -9.86
CA GLN A 212 14.98 -17.50 -10.83
C GLN A 212 13.56 -17.19 -11.30
N GLU A 213 13.34 -17.30 -12.61
CA GLU A 213 12.03 -17.07 -13.21
C GLU A 213 11.45 -18.37 -13.75
N ILE A 214 10.17 -18.58 -13.52
CA ILE A 214 9.44 -19.73 -14.04
C ILE A 214 8.27 -19.17 -14.83
N ASN A 215 8.39 -19.16 -16.16
CA ASN A 215 7.30 -18.73 -17.03
C ASN A 215 6.69 -20.00 -17.60
N ALA A 216 5.62 -20.48 -16.96
CA ALA A 216 5.10 -21.81 -17.26
C ALA A 216 4.65 -21.92 -18.70
N ALA A 217 3.93 -20.91 -19.21
CA ALA A 217 3.40 -20.99 -20.56
C ALA A 217 4.48 -20.77 -21.62
N ASN A 218 5.48 -19.93 -21.33
CA ASN A 218 6.52 -19.58 -22.30
C ASN A 218 7.87 -19.56 -21.56
N SER A 219 8.53 -20.72 -21.54
CA SER A 219 9.67 -20.92 -20.63
C SER A 219 10.80 -19.93 -20.88
N LYS A 220 11.02 -19.53 -22.14
CA LYS A 220 12.14 -18.64 -22.46
C LYS A 220 11.81 -17.16 -22.33
N GLN A 221 10.55 -16.81 -22.04
CA GLN A 221 10.15 -15.40 -22.14
C GLN A 221 10.27 -14.71 -20.79
N PRO A 222 10.86 -13.52 -20.71
CA PRO A 222 10.88 -12.78 -19.45
C PRO A 222 9.47 -12.44 -18.98
N ILE A 223 9.30 -12.40 -17.67
CA ILE A 223 7.97 -12.24 -17.07
C ILE A 223 7.65 -10.76 -16.96
N HIS A 224 6.58 -10.34 -17.64
CA HIS A 224 6.08 -8.97 -17.59
C HIS A 224 4.63 -8.99 -17.15
N MET A 225 4.17 -7.85 -16.64
CA MET A 225 2.79 -7.72 -16.19
C MET A 225 2.40 -6.26 -16.24
N VAL A 226 1.10 -6.00 -16.16
CA VAL A 226 0.57 -4.67 -15.92
C VAL A 226 0.46 -4.47 -14.42
N TYR A 227 1.20 -3.51 -13.87
CA TYR A 227 1.16 -3.29 -12.43
C TYR A 227 1.68 -1.88 -12.12
N VAL A 228 1.59 -1.54 -10.84
CA VAL A 228 2.12 -0.27 -10.32
C VAL A 228 3.50 -0.58 -9.74
N PRO A 229 4.59 -0.30 -10.46
CA PRO A 229 5.91 -0.71 -9.95
C PRO A 229 6.26 -0.12 -8.59
N SER A 230 5.81 1.09 -8.27
CA SER A 230 6.14 1.65 -6.96
C SER A 230 5.56 0.80 -5.84
N HIS A 231 4.33 0.30 -6.02
CA HIS A 231 3.75 -0.60 -5.03
C HIS A 231 4.56 -1.88 -4.90
N LEU A 232 4.94 -2.46 -6.03
CA LEU A 232 5.74 -3.68 -6.02
C LEU A 232 7.09 -3.45 -5.35
N TYR A 233 7.72 -2.30 -5.66
CA TYR A 233 8.98 -1.96 -5.01
C TYR A 233 8.82 -1.87 -3.50
N HIS A 234 7.74 -1.22 -3.04
CA HIS A 234 7.56 -1.04 -1.60
C HIS A 234 7.46 -2.38 -0.90
N MET A 235 6.70 -3.31 -1.45
CA MET A 235 6.58 -4.63 -0.85
C MET A 235 7.92 -5.35 -0.84
N LEU A 236 8.59 -5.39 -2.00
CA LEU A 236 9.85 -6.12 -2.09
C LEU A 236 10.92 -5.48 -1.21
N PHE A 237 10.95 -4.15 -1.17
CA PHE A 237 11.95 -3.46 -0.36
C PHE A 237 11.77 -3.79 1.13
N GLU A 238 10.53 -3.80 1.61
N GLU A 238 10.53 -3.80 1.61
CA GLU A 238 10.28 -4.16 3.00
CA GLU A 238 10.30 -4.15 3.01
C GLU A 238 10.71 -5.58 3.29
C GLU A 238 10.70 -5.59 3.30
N LEU A 239 10.37 -6.52 2.39
CA LEU A 239 10.75 -7.90 2.58
C LEU A 239 12.26 -8.07 2.55
N PHE A 240 12.94 -7.38 1.62
CA PHE A 240 14.39 -7.49 1.54
C PHE A 240 15.04 -6.99 2.81
N LYS A 241 14.56 -5.88 3.37
CA LYS A 241 15.14 -5.34 4.58
C LYS A 241 15.05 -6.35 5.72
N ASN A 242 13.89 -7.00 5.88
CA ASN A 242 13.76 -8.01 6.92
C ASN A 242 14.66 -9.21 6.65
N ALA A 243 14.69 -9.68 5.40
CA ALA A 243 15.49 -10.87 5.09
C ALA A 243 16.97 -10.60 5.28
N MET A 244 17.44 -9.42 4.88
CA MET A 244 18.86 -9.10 5.03
C MET A 244 19.23 -8.96 6.51
N ARG A 245 18.41 -8.25 7.28
CA ARG A 245 18.71 -8.10 8.70
C ARG A 245 18.79 -9.47 9.37
N ALA A 246 17.81 -10.34 9.10
CA ALA A 246 17.82 -11.66 9.72
C ALA A 246 19.04 -12.46 9.27
N THR A 247 19.36 -12.43 7.98
CA THR A 247 20.47 -13.22 7.48
C THR A 247 21.80 -12.77 8.09
N VAL A 248 22.03 -11.45 8.12
CA VAL A 248 23.30 -10.94 8.62
C VAL A 248 23.43 -11.20 10.12
N GLU A 249 22.37 -10.90 10.88
CA GLU A 249 22.47 -11.02 12.33
C GLU A 249 22.60 -12.47 12.78
N SER A 250 21.91 -13.40 12.10
CA SER A 250 22.01 -14.79 12.49
C SER A 250 23.34 -15.42 12.10
N HIS A 251 24.17 -14.74 11.31
CA HIS A 251 25.46 -15.27 10.87
C HIS A 251 26.62 -14.39 11.34
N GLU A 252 26.42 -13.66 12.45
CA GLU A 252 27.49 -12.79 12.94
C GLU A 252 28.74 -13.59 13.30
N SER A 253 28.56 -14.73 13.96
CA SER A 253 29.67 -15.59 14.35
C SER A 253 29.99 -16.62 13.27
N SER A 254 29.56 -16.39 12.04
CA SER A 254 29.79 -17.29 10.93
C SER A 254 30.40 -16.52 9.77
N LEU A 255 31.10 -17.23 8.89
CA LEU A 255 31.74 -16.62 7.74
C LEU A 255 30.89 -16.70 6.47
N ILE A 256 30.18 -17.80 6.27
CA ILE A 256 29.34 -17.97 5.09
C ILE A 256 28.05 -17.19 5.29
N LEU A 257 27.70 -16.36 4.30
CA LEU A 257 26.48 -15.55 4.35
C LEU A 257 25.53 -16.04 3.26
N PRO A 258 24.49 -16.80 3.59
CA PRO A 258 23.63 -17.33 2.54
C PRO A 258 23.00 -16.23 1.74
N PRO A 259 22.80 -16.44 0.44
CA PRO A 259 22.11 -15.44 -0.37
C PRO A 259 20.61 -15.44 -0.11
N ILE A 260 19.97 -14.34 -0.53
CA ILE A 260 18.51 -14.26 -0.58
C ILE A 260 18.07 -14.72 -1.96
N LYS A 261 17.17 -15.70 -1.99
CA LYS A 261 16.70 -16.31 -3.23
C LYS A 261 15.30 -15.81 -3.54
N VAL A 262 15.08 -15.37 -4.78
CA VAL A 262 13.79 -14.91 -5.23
C VAL A 262 13.38 -15.76 -6.43
N MET A 263 12.16 -16.28 -6.40
CA MET A 263 11.57 -16.96 -7.54
C MET A 263 10.38 -16.15 -8.02
N VAL A 264 10.33 -15.91 -9.33
CA VAL A 264 9.19 -15.25 -9.97
C VAL A 264 8.53 -16.29 -10.86
N ALA A 265 7.26 -16.60 -10.56
CA ALA A 265 6.51 -17.63 -11.27
C ALA A 265 5.30 -16.99 -11.92
N LEU A 266 5.07 -17.28 -13.19
CA LEU A 266 3.91 -16.80 -13.93
C LEU A 266 3.04 -17.99 -14.28
N GLY A 267 1.83 -18.03 -13.72
CA GLY A 267 0.85 -19.04 -14.02
C GLY A 267 -0.30 -18.49 -14.84
N GLU A 268 -1.34 -19.32 -14.95
CA GLU A 268 -2.51 -18.94 -15.75
C GLU A 268 -3.21 -17.72 -15.17
N GLU A 269 -3.30 -17.63 -13.84
CA GLU A 269 -3.93 -16.47 -13.22
C GLU A 269 -3.09 -15.80 -12.13
N ASP A 270 -2.08 -16.48 -11.59
CA ASP A 270 -1.24 -15.91 -10.54
C ASP A 270 0.12 -15.53 -11.09
N LEU A 271 0.63 -14.39 -10.65
CA LEU A 271 2.04 -14.06 -10.74
C LEU A 271 2.54 -14.02 -9.30
N SER A 272 3.38 -14.98 -8.94
CA SER A 272 3.81 -15.16 -7.56
C SER A 272 5.30 -14.86 -7.44
N ILE A 273 5.68 -14.18 -6.35
CA ILE A 273 7.07 -13.86 -6.07
C ILE A 273 7.40 -14.39 -4.68
N LYS A 274 8.31 -15.34 -4.59
CA LYS A 274 8.75 -15.90 -3.33
C LYS A 274 10.14 -15.38 -3.00
N MET A 275 10.30 -14.86 -1.79
CA MET A 275 11.61 -14.47 -1.28
C MET A 275 11.97 -15.40 -0.12
N SER A 276 13.17 -15.99 -0.20
CA SER A 276 13.60 -17.01 0.76
C SER A 276 14.93 -16.59 1.37
N ASP A 277 15.02 -16.67 2.70
CA ASP A 277 16.27 -16.41 3.39
C ASP A 277 16.61 -17.61 4.29
N ARG A 278 17.85 -17.62 4.75
CA ARG A 278 18.28 -18.54 5.78
C ARG A 278 18.67 -17.74 7.01
N GLY A 279 17.74 -16.93 7.52
CA GLY A 279 18.00 -16.02 8.62
C GLY A 279 17.66 -16.57 9.99
N GLY A 280 17.50 -17.89 10.09
CA GLY A 280 17.27 -18.54 11.37
C GLY A 280 15.81 -18.80 11.69
N GLY A 281 14.89 -18.15 10.99
CA GLY A 281 13.48 -18.45 11.11
C GLY A 281 12.83 -17.83 12.34
N VAL A 282 11.51 -17.98 12.38
CA VAL A 282 10.67 -17.42 13.43
C VAL A 282 9.71 -18.51 13.90
N PRO A 283 9.52 -18.71 15.20
CA PRO A 283 8.52 -19.68 15.64
C PRO A 283 7.13 -19.28 15.17
N LEU A 284 6.31 -20.30 14.86
CA LEU A 284 4.98 -20.03 14.33
C LEU A 284 4.20 -19.11 15.24
N ARG A 285 4.38 -19.26 16.55
CA ARG A 285 3.66 -18.44 17.53
C ARG A 285 3.87 -16.95 17.28
N LYS A 286 5.04 -16.55 16.79
CA LYS A 286 5.38 -15.15 16.62
C LYS A 286 5.11 -14.61 15.23
N ILE A 287 4.63 -15.44 14.30
CA ILE A 287 4.42 -14.96 12.92
C ILE A 287 3.32 -13.91 12.88
N GLU A 288 2.22 -14.13 13.60
CA GLU A 288 1.08 -13.22 13.52
C GLU A 288 1.46 -11.81 13.96
N ARG A 289 2.27 -11.69 15.01
CA ARG A 289 2.64 -10.38 15.52
C ARG A 289 3.40 -9.55 14.48
N LEU A 290 4.04 -10.20 13.51
CA LEU A 290 4.76 -9.45 12.48
C LEU A 290 3.82 -8.59 11.64
N PHE A 291 2.57 -9.00 11.49
CA PHE A 291 1.60 -8.25 10.72
C PHE A 291 0.66 -7.41 11.59
N SER A 292 0.88 -7.38 12.90
CA SER A 292 0.01 -6.66 13.81
C SER A 292 0.50 -5.22 13.99
N TYR A 293 -0.41 -4.27 13.82
CA TYR A 293 -0.06 -2.88 14.11
C TYR A 293 0.25 -2.69 15.58
N MET A 294 -0.57 -3.27 16.46
CA MET A 294 -0.38 -3.06 17.89
C MET A 294 0.91 -3.70 18.37
N TYR A 295 1.19 -4.94 17.94
CA TYR A 295 2.36 -5.63 18.43
C TYR A 295 3.64 -5.14 17.77
N SER A 296 3.52 -4.49 16.62
CA SER A 296 4.68 -3.94 15.92
C SER A 296 5.01 -2.54 16.39
N THR A 297 4.16 -1.94 17.21
CA THR A 297 4.42 -0.62 17.78
C THR A 297 5.31 -0.78 19.01
N ALA A 298 6.26 0.13 19.15
CA ALA A 298 7.15 0.13 20.32
C ALA A 298 7.50 1.57 20.64
N PRO A 299 7.76 1.89 21.92
CA PRO A 299 8.18 3.25 22.27
C PRO A 299 9.56 3.60 21.70
N GLY A 314 8.43 -0.74 12.36
CA GLY A 314 7.35 0.04 11.79
C GLY A 314 6.23 -0.84 11.25
N TYR A 315 5.37 -0.24 10.41
CA TYR A 315 4.22 -0.92 9.83
C TYR A 315 4.49 -1.42 8.41
N GLY A 316 5.77 -1.64 8.07
CA GLY A 316 6.10 -1.98 6.70
C GLY A 316 5.43 -3.27 6.23
N LEU A 317 5.43 -4.31 7.07
CA LEU A 317 4.82 -5.57 6.64
C LEU A 317 3.31 -5.48 6.51
N PRO A 318 2.56 -5.04 7.53
CA PRO A 318 1.10 -4.95 7.35
C PRO A 318 0.69 -4.05 6.20
N ILE A 319 1.37 -2.93 5.99
CA ILE A 319 1.04 -2.07 4.85
C ILE A 319 1.44 -2.73 3.54
N SER A 320 2.58 -3.44 3.53
CA SER A 320 2.97 -4.15 2.32
C SER A 320 1.90 -5.16 1.92
N ARG A 321 1.33 -5.86 2.89
CA ARG A 321 0.25 -6.79 2.59
C ARG A 321 -0.95 -6.07 1.99
N LEU A 322 -1.25 -4.86 2.49
CA LEU A 322 -2.36 -4.10 1.92
C LEU A 322 -2.10 -3.74 0.47
N TYR A 323 -0.87 -3.36 0.14
CA TYR A 323 -0.55 -3.09 -1.27
C TYR A 323 -0.83 -4.32 -2.12
N ALA A 324 -0.45 -5.49 -1.64
CA ALA A 324 -0.71 -6.73 -2.38
C ALA A 324 -2.21 -6.97 -2.52
N LYS A 325 -2.98 -6.75 -1.46
CA LYS A 325 -4.41 -7.00 -1.52
C LYS A 325 -5.13 -5.98 -2.40
N TYR A 326 -4.54 -4.80 -2.61
CA TYR A 326 -5.26 -3.71 -3.25
C TYR A 326 -5.73 -4.05 -4.65
N PHE A 327 -4.97 -4.88 -5.38
CA PHE A 327 -5.38 -5.35 -6.70
C PHE A 327 -5.63 -6.86 -6.68
N GLN A 328 -6.27 -7.33 -5.61
CA GLN A 328 -6.76 -8.71 -5.49
C GLN A 328 -5.65 -9.71 -5.24
N GLY A 329 -4.51 -9.27 -4.71
CA GLY A 329 -3.41 -10.14 -4.38
C GLY A 329 -3.36 -10.45 -2.90
N ASP A 330 -2.19 -10.90 -2.45
CA ASP A 330 -1.97 -11.19 -1.04
C ASP A 330 -0.47 -11.28 -0.78
N LEU A 331 -0.11 -11.26 0.50
CA LEU A 331 1.27 -11.40 0.93
C LEU A 331 1.27 -12.32 2.14
N GLN A 332 1.96 -13.45 2.03
CA GLN A 332 1.93 -14.47 3.08
C GLN A 332 3.35 -14.79 3.49
N LEU A 333 3.50 -15.18 4.76
CA LEU A 333 4.80 -15.45 5.35
C LEU A 333 4.77 -16.83 5.99
N PHE A 334 5.78 -17.64 5.71
N PHE A 334 5.77 -17.65 5.72
CA PHE A 334 5.95 -18.96 6.27
CA PHE A 334 5.88 -18.94 6.39
C PHE A 334 7.40 -19.13 6.69
C PHE A 334 7.34 -19.25 6.67
N SER A 335 7.63 -19.56 7.93
CA SER A 335 8.98 -19.69 8.44
C SER A 335 9.24 -21.12 8.91
N MET A 336 10.52 -21.45 9.03
N MET A 336 10.52 -21.44 9.05
CA MET A 336 10.95 -22.72 9.61
CA MET A 336 11.00 -22.71 9.59
C MET A 336 11.99 -22.37 10.67
C MET A 336 12.00 -22.35 10.68
N GLU A 337 11.56 -22.33 11.93
CA GLU A 337 12.44 -21.91 13.01
C GLU A 337 13.69 -22.78 13.02
N GLY A 338 14.84 -22.15 13.16
CA GLY A 338 16.12 -22.81 13.06
C GLY A 338 16.72 -22.83 11.68
N PHE A 339 15.98 -22.40 10.66
CA PHE A 339 16.49 -22.41 9.29
C PHE A 339 16.33 -21.06 8.60
N GLY A 340 15.09 -20.70 8.26
CA GLY A 340 14.88 -19.48 7.50
C GLY A 340 13.41 -19.26 7.24
N THR A 341 13.13 -18.23 6.45
CA THR A 341 11.77 -17.75 6.24
C THR A 341 11.51 -17.53 4.75
N ASP A 342 10.27 -17.82 4.34
CA ASP A 342 9.79 -17.54 2.99
C ASP A 342 8.66 -16.53 3.07
N ALA A 343 8.66 -15.58 2.13
CA ALA A 343 7.54 -14.68 1.92
C ALA A 343 7.12 -14.79 0.46
N VAL A 344 5.81 -14.81 0.22
CA VAL A 344 5.27 -14.90 -1.13
C VAL A 344 4.34 -13.72 -1.36
N ILE A 345 4.60 -12.96 -2.42
CA ILE A 345 3.68 -11.96 -2.92
C ILE A 345 2.85 -12.61 -4.01
N TYR A 346 1.53 -12.61 -3.84
CA TYR A 346 0.60 -13.12 -4.84
C TYR A 346 -0.04 -11.94 -5.55
N LEU A 347 0.11 -11.91 -6.87
CA LEU A 347 -0.50 -10.89 -7.71
C LEU A 347 -1.32 -11.57 -8.79
N LYS A 348 -2.31 -10.85 -9.30
CA LYS A 348 -3.07 -11.34 -10.45
C LYS A 348 -2.22 -11.17 -11.70
N ALA A 349 -2.15 -12.24 -12.50
CA ALA A 349 -1.32 -12.20 -13.70
C ALA A 349 -1.97 -11.37 -14.80
N LEU A 350 -3.30 -11.33 -14.84
CA LEU A 350 -4.05 -10.74 -15.94
C LEU A 350 -4.65 -9.40 -15.52
N SER A 351 -4.54 -8.42 -16.41
CA SER A 351 -5.10 -7.10 -16.12
C SER A 351 -6.61 -7.16 -15.94
N THR A 352 -7.28 -8.12 -16.59
CA THR A 352 -8.72 -8.25 -16.42
C THR A 352 -9.08 -8.63 -14.99
N ASP A 353 -8.22 -9.39 -14.31
CA ASP A 353 -8.46 -9.76 -12.92
C ASP A 353 -7.95 -8.73 -11.92
N SER A 354 -7.23 -7.71 -12.38
CA SER A 354 -6.65 -6.71 -11.49
C SER A 354 -7.68 -5.60 -11.31
N VAL A 355 -8.37 -5.63 -10.17
CA VAL A 355 -9.42 -4.68 -9.85
C VAL A 355 -9.18 -4.17 -8.44
N GLU A 356 -9.46 -2.87 -8.22
CA GLU A 356 -9.30 -2.30 -6.90
C GLU A 356 -10.07 -3.13 -5.88
N ARG A 357 -9.42 -3.41 -4.76
CA ARG A 357 -10.10 -3.96 -3.58
C ARG A 357 -10.20 -2.82 -2.57
N LEU A 358 -11.43 -2.42 -2.28
CA LEU A 358 -11.70 -1.33 -1.37
C LEU A 358 -12.37 -1.87 -0.11
N PRO A 359 -12.29 -1.14 1.01
CA PRO A 359 -12.99 -1.59 2.21
C PRO A 359 -14.47 -1.74 1.93
N VAL A 360 -15.06 -2.78 2.50
CA VAL A 360 -16.50 -3.00 2.40
C VAL A 360 -17.19 -2.16 3.46
N TYR A 361 -18.05 -1.26 3.02
CA TYR A 361 -18.79 -0.38 3.93
C TYR A 361 -20.25 -0.81 4.04
#